data_1IXS
#
_entry.id   1IXS
#
_cell.length_a   102.060
_cell.length_b   102.060
_cell.length_c   137.750
_cell.angle_alpha   90.00
_cell.angle_beta   90.00
_cell.angle_gamma   90.00
#
_symmetry.space_group_name_H-M   'P 43 21 2'
#
loop_
_entity.id
_entity.type
_entity.pdbx_description
1 polymer 'Holliday junction DNA helicase ruvA'
2 polymer RuvB
3 non-polymer 'PHOSPHOAMINOPHOSPHONIC ACID-ADENYLATE ESTER'
#
loop_
_entity_poly.entity_id
_entity_poly.type
_entity_poly.pdbx_seq_one_letter_code
_entity_poly.pdbx_strand_id
1 'polypeptide(L)' KVPPHLLAGEKVESEAAEEAVMALAALGFKEAQARAVVLDLLAQNPKARAQDLIKEALKRLR A
2 'polypeptide(L)'
;MEDLALRPKTLDEYIGQERLKQKLRVYLEAAKARKEPLEHLLLFGPPGLGKTTLAHVIAHELGVNLRVTSGPAIEKPGDL
AAILANSLEEGDILFIDEIHRLSRQAEEHLYPAMEDFVMDIVIGQGPAARTIRLELPRFTLIGATTRPGLITAPLLSRFG
IVEHLEYYTPEELAQGVMRDARLLGVRITEEAALEIGRRSRGTMRVAKRLFRRVRDFAQVAGEEVITRERALEALAALGL
DELGLEKRDREILEVLILRFGGGPVGLATLATALSEDPGTLEEVHEPYLIRQGLLKRTPRGRVATELAYRHLGYPPPV
;
B
#
loop_
_chem_comp.id
_chem_comp.type
_chem_comp.name
_chem_comp.formula
ANP non-polymer 'PHOSPHOAMINOPHOSPHONIC ACID-ADENYLATE ESTER' 'C10 H17 N6 O12 P3'
#
# COMPACT_ATOMS: atom_id res chain seq x y z
N GLU A 13 -38.61 -26.52 4.51
CA GLU A 13 -38.10 -25.29 5.18
C GLU A 13 -38.49 -24.03 4.38
N SER A 14 -37.49 -23.22 4.04
CA SER A 14 -37.69 -21.99 3.28
C SER A 14 -36.76 -21.96 2.08
N GLU A 15 -37.29 -21.59 0.92
CA GLU A 15 -36.47 -21.55 -0.27
C GLU A 15 -35.42 -20.46 -0.10
N ALA A 16 -35.88 -19.26 0.20
CA ALA A 16 -35.02 -18.10 0.38
C ALA A 16 -33.82 -18.35 1.28
N ALA A 17 -34.02 -19.08 2.37
CA ALA A 17 -32.94 -19.35 3.32
C ALA A 17 -31.94 -20.38 2.85
N GLU A 18 -32.42 -21.52 2.41
CA GLU A 18 -31.50 -22.57 1.96
C GLU A 18 -30.58 -21.95 0.91
N GLU A 19 -31.16 -21.13 0.06
CA GLU A 19 -30.40 -20.47 -0.98
C GLU A 19 -29.35 -19.60 -0.32
N ALA A 20 -29.79 -18.72 0.57
CA ALA A 20 -28.90 -17.81 1.28
C ALA A 20 -27.80 -18.56 2.01
N VAL A 21 -28.16 -19.67 2.65
CA VAL A 21 -27.18 -20.47 3.39
C VAL A 21 -26.12 -21.08 2.49
N MET A 22 -26.56 -21.73 1.42
CA MET A 22 -25.59 -22.33 0.52
C MET A 22 -24.59 -21.30 0.01
N ALA A 23 -25.09 -20.15 -0.39
CA ALA A 23 -24.23 -19.09 -0.89
C ALA A 23 -23.21 -18.71 0.17
N LEU A 24 -23.66 -18.45 1.39
CA LEU A 24 -22.75 -18.08 2.45
C LEU A 24 -21.64 -19.13 2.53
N ALA A 25 -22.04 -20.40 2.50
CA ALA A 25 -21.08 -21.50 2.56
C ALA A 25 -20.07 -21.39 1.43
N ALA A 26 -20.56 -21.16 0.22
CA ALA A 26 -19.67 -21.04 -0.91
C ALA A 26 -18.69 -19.92 -0.64
N LEU A 27 -19.17 -18.81 -0.07
CA LEU A 27 -18.30 -17.69 0.20
C LEU A 27 -17.25 -18.00 1.27
N GLY A 28 -17.33 -19.21 1.84
CA GLY A 28 -16.34 -19.62 2.81
C GLY A 28 -16.66 -19.44 4.28
N PHE A 29 -17.94 -19.47 4.65
CA PHE A 29 -18.32 -19.35 6.05
C PHE A 29 -18.66 -20.72 6.62
N LYS A 30 -18.42 -20.92 7.92
CA LYS A 30 -18.75 -22.19 8.53
C LYS A 30 -20.23 -22.46 8.31
N GLU A 31 -20.49 -23.50 7.52
CA GLU A 31 -21.84 -23.91 7.15
C GLU A 31 -22.83 -23.72 8.30
N ALA A 32 -22.62 -24.45 9.41
CA ALA A 32 -23.51 -24.36 10.56
C ALA A 32 -23.71 -22.94 11.08
N GLN A 33 -22.60 -22.22 11.27
CA GLN A 33 -22.62 -20.84 11.78
C GLN A 33 -23.47 -19.94 10.87
N ALA A 34 -23.41 -20.19 9.57
CA ALA A 34 -24.18 -19.40 8.61
C ALA A 34 -25.68 -19.64 8.75
N ARG A 35 -26.08 -20.91 8.85
CA ARG A 35 -27.49 -21.24 8.99
C ARG A 35 -28.16 -20.55 10.19
N ALA A 36 -27.51 -20.60 11.35
CA ALA A 36 -28.05 -19.98 12.58
C ALA A 36 -28.40 -18.50 12.41
N VAL A 37 -27.50 -17.74 11.81
CA VAL A 37 -27.75 -16.33 11.58
C VAL A 37 -28.81 -16.17 10.51
N VAL A 38 -28.72 -16.93 9.42
CA VAL A 38 -29.70 -16.78 8.38
C VAL A 38 -31.08 -17.09 8.96
N LEU A 39 -31.23 -18.25 9.56
CA LEU A 39 -32.52 -18.61 10.16
C LEU A 39 -33.08 -17.57 11.11
N ASP A 40 -32.28 -17.08 12.04
CA ASP A 40 -32.79 -16.05 12.93
C ASP A 40 -33.23 -14.84 12.10
N LEU A 41 -32.38 -14.42 11.16
CA LEU A 41 -32.73 -13.29 10.30
C LEU A 41 -34.10 -13.54 9.69
N LEU A 42 -34.31 -14.78 9.26
CA LEU A 42 -35.56 -15.18 8.65
C LEU A 42 -36.69 -14.96 9.64
N ALA A 43 -36.45 -15.31 10.90
CA ALA A 43 -37.44 -15.15 11.93
C ALA A 43 -37.84 -13.68 12.10
N GLN A 44 -36.87 -12.77 11.93
CA GLN A 44 -37.19 -11.35 12.04
C GLN A 44 -38.14 -10.95 10.92
N ASN A 45 -37.90 -11.48 9.72
CA ASN A 45 -38.74 -11.17 8.55
C ASN A 45 -38.84 -12.36 7.62
N PRO A 46 -39.82 -13.25 7.84
CA PRO A 46 -40.05 -14.46 7.04
C PRO A 46 -40.14 -14.28 5.54
N LYS A 47 -40.59 -13.10 5.10
CA LYS A 47 -40.72 -12.86 3.67
C LYS A 47 -39.47 -12.27 3.00
N ALA A 48 -38.31 -12.35 3.64
CA ALA A 48 -37.11 -11.78 3.05
C ALA A 48 -36.66 -12.49 1.79
N ARG A 49 -35.96 -11.78 0.91
CA ARG A 49 -35.45 -12.35 -0.34
C ARG A 49 -34.04 -12.87 -0.07
N ALA A 50 -33.63 -13.90 -0.82
CA ALA A 50 -32.29 -14.48 -0.61
C ALA A 50 -31.14 -13.48 -0.70
N GLN A 51 -31.29 -12.45 -1.51
CA GLN A 51 -30.19 -11.51 -1.62
C GLN A 51 -30.05 -10.66 -0.37
N ASP A 52 -31.15 -10.11 0.12
CA ASP A 52 -31.08 -9.28 1.32
C ASP A 52 -30.73 -10.13 2.53
N LEU A 53 -31.19 -11.37 2.53
CA LEU A 53 -30.88 -12.28 3.61
C LEU A 53 -29.36 -12.52 3.69
N ILE A 54 -28.74 -12.74 2.54
CA ILE A 54 -27.30 -12.98 2.45
C ILE A 54 -26.46 -11.79 2.93
N LYS A 55 -26.76 -10.60 2.40
CA LYS A 55 -26.04 -9.39 2.76
C LYS A 55 -26.25 -9.06 4.25
N GLU A 56 -27.47 -9.23 4.71
CA GLU A 56 -27.80 -8.94 6.08
C GLU A 56 -27.08 -9.92 6.99
N ALA A 57 -26.70 -11.07 6.45
CA ALA A 57 -26.00 -12.08 7.23
C ALA A 57 -24.50 -11.86 7.09
N LEU A 58 -24.14 -11.25 5.99
CA LEU A 58 -22.74 -11.01 5.69
C LEU A 58 -22.11 -10.06 6.68
N LYS A 59 -22.92 -9.32 7.41
CA LYS A 59 -22.37 -8.37 8.36
C LYS A 59 -22.59 -8.79 9.80
N ARG A 60 -22.76 -10.08 10.03
CA ARG A 60 -22.98 -10.61 11.36
C ARG A 60 -22.09 -11.84 11.48
N LEU A 61 -21.49 -12.23 10.37
CA LEU A 61 -20.62 -13.41 10.34
C LEU A 61 -19.16 -13.03 10.48
N ARG A 62 -18.43 -13.81 11.26
CA ARG A 62 -17.01 -13.58 11.50
C ARG A 62 -16.10 -13.99 10.34
N LEU B 4 -1.48 16.29 13.69
CA LEU B 4 -0.92 15.19 12.84
C LEU B 4 -2.01 14.23 12.36
N ALA B 5 -2.99 14.75 11.63
CA ALA B 5 -4.09 13.96 11.10
C ALA B 5 -4.63 14.59 9.81
N LEU B 6 -3.92 15.60 9.31
CA LEU B 6 -4.34 16.26 8.08
C LEU B 6 -3.35 16.05 6.92
N ARG B 7 -3.93 15.70 5.76
CA ARG B 7 -3.18 15.42 4.55
C ARG B 7 -3.81 16.21 3.41
N PRO B 8 -3.34 16.00 2.16
CA PRO B 8 -3.92 16.72 1.04
C PRO B 8 -5.31 16.24 0.74
N LYS B 9 -6.11 17.10 0.12
CA LYS B 9 -7.49 16.78 -0.24
C LYS B 9 -7.72 16.99 -1.74
N THR B 10 -7.38 18.17 -2.24
CA THR B 10 -7.55 18.47 -3.66
C THR B 10 -6.37 17.86 -4.42
N LEU B 11 -6.59 17.45 -5.66
CA LEU B 11 -5.51 16.87 -6.44
C LEU B 11 -4.39 17.89 -6.63
N ASP B 12 -4.73 19.18 -6.63
CA ASP B 12 -3.74 20.25 -6.77
C ASP B 12 -2.85 20.23 -5.53
N GLU B 13 -3.46 19.94 -4.39
CA GLU B 13 -2.72 19.88 -3.15
C GLU B 13 -1.79 18.68 -3.12
N TYR B 14 -1.93 17.77 -4.08
CA TYR B 14 -1.08 16.60 -4.14
C TYR B 14 0.27 16.96 -4.77
N ILE B 15 1.35 16.60 -4.08
CA ILE B 15 2.71 16.91 -4.52
C ILE B 15 3.33 15.92 -5.49
N GLY B 16 4.03 16.45 -6.49
CA GLY B 16 4.71 15.61 -7.46
C GLY B 16 3.81 14.80 -8.36
N GLN B 17 4.34 13.68 -8.84
CA GLN B 17 3.61 12.78 -9.73
C GLN B 17 2.94 13.53 -10.89
N GLU B 18 3.47 14.71 -11.22
CA GLU B 18 2.90 15.54 -12.28
C GLU B 18 2.43 14.73 -13.49
N ARG B 19 3.28 13.82 -13.95
CA ARG B 19 2.93 12.98 -15.10
C ARG B 19 1.59 12.28 -14.85
N LEU B 20 1.44 11.67 -13.69
CA LEU B 20 0.22 10.96 -13.36
C LEU B 20 -0.94 11.91 -13.12
N LYS B 21 -0.67 13.04 -12.47
CA LYS B 21 -1.74 13.98 -12.19
C LYS B 21 -2.47 14.44 -13.45
N GLN B 22 -1.73 14.62 -14.54
CA GLN B 22 -2.37 15.06 -15.79
C GLN B 22 -3.30 13.97 -16.31
N LYS B 23 -2.79 12.74 -16.40
CA LYS B 23 -3.60 11.64 -16.91
C LYS B 23 -4.82 11.38 -16.05
N LEU B 24 -4.64 11.41 -14.73
CA LEU B 24 -5.77 11.19 -13.83
C LEU B 24 -6.77 12.32 -13.99
N ARG B 25 -6.25 13.53 -14.05
CA ARG B 25 -7.10 14.71 -14.18
C ARG B 25 -8.00 14.57 -15.40
N VAL B 26 -7.51 13.92 -16.45
CA VAL B 26 -8.33 13.72 -17.65
C VAL B 26 -9.41 12.69 -17.36
N TYR B 27 -8.98 11.44 -17.14
CA TYR B 27 -9.88 10.35 -16.82
C TYR B 27 -10.86 10.78 -15.76
N LEU B 28 -10.36 11.59 -14.85
CA LEU B 28 -11.14 12.12 -13.75
C LEU B 28 -12.30 12.98 -14.24
N GLU B 29 -12.02 14.24 -14.53
CA GLU B 29 -13.04 15.17 -15.00
C GLU B 29 -13.99 14.59 -16.05
N ALA B 30 -13.58 13.51 -16.71
CA ALA B 30 -14.45 12.88 -17.70
C ALA B 30 -15.62 12.22 -16.99
N ALA B 31 -15.33 11.14 -16.26
CA ALA B 31 -16.34 10.44 -15.50
C ALA B 31 -16.96 11.37 -14.46
N LYS B 32 -16.27 12.44 -14.12
CA LYS B 32 -16.78 13.40 -13.15
C LYS B 32 -17.87 14.18 -13.85
N ALA B 33 -18.00 13.94 -15.15
CA ALA B 33 -18.98 14.62 -16.00
C ALA B 33 -19.96 13.65 -16.66
N ARG B 34 -19.44 12.53 -17.15
CA ARG B 34 -20.27 11.51 -17.80
C ARG B 34 -21.23 10.93 -16.76
N LYS B 35 -21.14 9.64 -16.52
CA LYS B 35 -21.98 8.98 -15.55
C LYS B 35 -21.55 9.38 -14.15
N GLU B 36 -20.72 8.55 -13.52
CA GLU B 36 -20.26 8.84 -12.17
C GLU B 36 -19.08 8.00 -11.67
N PRO B 37 -18.82 6.83 -12.27
CA PRO B 37 -17.69 6.05 -11.76
C PRO B 37 -16.41 6.16 -12.58
N LEU B 38 -15.28 6.28 -11.87
CA LEU B 38 -13.98 6.38 -12.48
C LEU B 38 -13.60 4.96 -12.86
N GLU B 39 -12.88 4.79 -13.97
CA GLU B 39 -12.47 3.45 -14.38
C GLU B 39 -11.56 2.85 -13.31
N HIS B 40 -11.53 1.51 -13.21
CA HIS B 40 -10.69 0.88 -12.21
C HIS B 40 -9.20 1.19 -12.44
N LEU B 41 -8.56 1.68 -11.39
CA LEU B 41 -7.17 2.08 -11.46
C LEU B 41 -6.26 1.15 -10.67
N LEU B 42 -5.19 0.70 -11.31
CA LEU B 42 -4.20 -0.17 -10.71
C LEU B 42 -2.94 0.65 -10.67
N LEU B 43 -2.36 0.80 -9.49
CA LEU B 43 -1.14 1.58 -9.35
C LEU B 43 0.06 0.72 -9.06
N PHE B 44 1.08 0.83 -9.89
CA PHE B 44 2.31 0.09 -9.69
C PHE B 44 3.21 1.10 -9.03
N GLY B 45 4.34 0.66 -8.51
CA GLY B 45 5.24 1.60 -7.88
C GLY B 45 5.81 1.12 -6.57
N PRO B 46 6.94 1.69 -6.17
CA PRO B 46 7.61 1.33 -4.92
C PRO B 46 6.86 1.85 -3.70
N PRO B 47 7.13 1.26 -2.53
CA PRO B 47 6.49 1.62 -1.27
C PRO B 47 6.77 3.04 -0.87
N GLY B 48 5.90 3.56 0.01
CA GLY B 48 6.08 4.89 0.53
C GLY B 48 5.91 6.03 -0.44
N LEU B 49 5.41 5.76 -1.64
CA LEU B 49 5.25 6.84 -2.59
C LEU B 49 3.93 7.59 -2.46
N GLY B 50 3.09 7.15 -1.53
CA GLY B 50 1.82 7.83 -1.33
C GLY B 50 0.67 7.40 -2.22
N LYS B 51 0.52 6.10 -2.48
CA LYS B 51 -0.57 5.62 -3.32
C LYS B 51 -1.91 5.85 -2.62
N THR B 52 -2.07 5.27 -1.45
CA THR B 52 -3.31 5.49 -0.73
C THR B 52 -3.72 6.96 -0.61
N THR B 53 -2.78 7.90 -0.55
CA THR B 53 -3.20 9.29 -0.46
C THR B 53 -3.87 9.69 -1.77
N LEU B 54 -3.30 9.22 -2.88
CA LEU B 54 -3.89 9.54 -4.17
C LEU B 54 -5.32 8.97 -4.18
N ALA B 55 -5.52 7.89 -3.43
CA ALA B 55 -6.81 7.25 -3.31
C ALA B 55 -7.83 8.19 -2.68
N HIS B 56 -7.47 8.83 -1.57
CA HIS B 56 -8.36 9.77 -0.90
C HIS B 56 -8.54 10.99 -1.80
N VAL B 57 -7.48 11.47 -2.41
CA VAL B 57 -7.61 12.63 -3.25
C VAL B 57 -8.63 12.37 -4.34
N ILE B 58 -8.40 11.34 -5.15
CA ILE B 58 -9.33 11.07 -6.22
C ILE B 58 -10.74 11.01 -5.63
N ALA B 59 -10.88 10.31 -4.51
CA ALA B 59 -12.18 10.18 -3.87
C ALA B 59 -12.79 11.56 -3.68
N HIS B 60 -11.95 12.50 -3.27
CA HIS B 60 -12.39 13.85 -3.04
C HIS B 60 -12.87 14.48 -4.36
N GLU B 61 -12.01 14.45 -5.37
CA GLU B 61 -12.35 15.02 -6.66
C GLU B 61 -13.72 14.58 -7.16
N LEU B 62 -14.14 13.38 -6.77
CA LEU B 62 -15.42 12.89 -7.24
C LEU B 62 -16.54 13.16 -6.25
N GLY B 63 -16.19 13.41 -4.99
CA GLY B 63 -17.21 13.67 -4.00
C GLY B 63 -17.78 12.34 -3.54
N VAL B 64 -16.91 11.35 -3.42
CA VAL B 64 -17.33 10.03 -2.99
C VAL B 64 -16.47 9.63 -1.80
N ASN B 65 -16.84 8.55 -1.11
CA ASN B 65 -16.10 8.09 0.06
C ASN B 65 -15.02 7.04 -0.29
N LEU B 66 -14.21 6.65 0.69
CA LEU B 66 -13.16 5.67 0.43
C LEU B 66 -13.04 4.54 1.43
N ARG B 67 -13.19 3.32 0.96
CA ARG B 67 -13.04 2.13 1.80
C ARG B 67 -11.60 1.64 1.54
N VAL B 68 -10.91 1.14 2.55
CA VAL B 68 -9.54 0.69 2.33
C VAL B 68 -9.30 -0.70 2.87
N THR B 69 -8.61 -1.54 2.11
CA THR B 69 -8.32 -2.88 2.58
C THR B 69 -7.09 -3.42 1.87
N SER B 70 -6.56 -4.52 2.37
CA SER B 70 -5.38 -5.12 1.78
C SER B 70 -5.70 -6.48 1.22
N GLY B 71 -4.79 -7.01 0.42
CA GLY B 71 -5.00 -8.32 -0.15
C GLY B 71 -5.00 -9.35 0.97
N PRO B 72 -3.93 -9.41 1.76
CA PRO B 72 -3.87 -10.37 2.85
C PRO B 72 -5.16 -10.45 3.65
N ALA B 73 -5.74 -9.29 3.97
CA ALA B 73 -6.98 -9.24 4.75
C ALA B 73 -8.12 -10.07 4.19
N ILE B 74 -8.39 -9.93 2.89
CA ILE B 74 -9.44 -10.71 2.23
C ILE B 74 -8.99 -12.16 2.35
N GLU B 75 -9.33 -12.81 3.46
CA GLU B 75 -8.95 -14.20 3.72
C GLU B 75 -9.86 -15.22 3.06
N LYS B 76 -11.03 -14.76 2.62
CA LYS B 76 -12.01 -15.63 1.96
C LYS B 76 -12.96 -14.74 1.20
N PRO B 77 -13.44 -15.20 0.05
CA PRO B 77 -14.37 -14.43 -0.78
C PRO B 77 -15.37 -13.61 0.03
N GLY B 78 -15.87 -14.22 1.10
CA GLY B 78 -16.82 -13.54 1.96
C GLY B 78 -16.31 -12.19 2.39
N ASP B 79 -15.10 -12.19 2.94
CA ASP B 79 -14.48 -10.97 3.39
C ASP B 79 -14.66 -9.87 2.35
N LEU B 80 -14.55 -10.23 1.07
CA LEU B 80 -14.69 -9.29 -0.04
C LEU B 80 -16.16 -9.00 -0.34
N ALA B 81 -16.98 -10.05 -0.38
CA ALA B 81 -18.41 -9.88 -0.63
C ALA B 81 -18.99 -8.92 0.42
N ALA B 82 -18.56 -9.09 1.65
CA ALA B 82 -19.03 -8.23 2.70
C ALA B 82 -18.71 -6.77 2.38
N ILE B 83 -17.49 -6.52 1.94
CA ILE B 83 -17.10 -5.16 1.60
C ILE B 83 -17.82 -4.62 0.39
N LEU B 84 -17.89 -5.45 -0.65
CA LEU B 84 -18.53 -5.02 -1.88
C LEU B 84 -20.03 -4.85 -1.80
N ALA B 85 -20.67 -5.56 -0.88
CA ALA B 85 -22.12 -5.46 -0.77
C ALA B 85 -22.61 -4.44 0.24
N ASN B 86 -21.92 -4.33 1.38
CA ASN B 86 -22.34 -3.38 2.40
C ASN B 86 -21.44 -2.16 2.58
N SER B 87 -20.12 -2.34 2.63
CA SER B 87 -19.18 -1.24 2.81
C SER B 87 -19.28 -0.10 1.80
N LEU B 88 -19.66 -0.40 0.56
CA LEU B 88 -19.70 0.64 -0.45
C LEU B 88 -21.07 1.19 -0.80
N GLU B 89 -21.08 2.45 -1.22
CA GLU B 89 -22.30 3.17 -1.62
C GLU B 89 -22.08 3.71 -3.03
N GLU B 90 -23.11 3.66 -3.86
CA GLU B 90 -23.06 4.12 -5.25
C GLU B 90 -22.07 5.23 -5.53
N GLY B 91 -20.96 4.88 -6.17
CA GLY B 91 -19.95 5.86 -6.52
C GLY B 91 -18.61 5.71 -5.84
N ASP B 92 -18.65 5.24 -4.59
CA ASP B 92 -17.47 5.06 -3.76
C ASP B 92 -16.30 4.27 -4.35
N ILE B 93 -15.14 4.43 -3.72
CA ILE B 93 -13.95 3.74 -4.18
C ILE B 93 -13.38 2.83 -3.11
N LEU B 94 -13.12 1.59 -3.51
CA LEU B 94 -12.54 0.58 -2.64
C LEU B 94 -11.10 0.50 -3.10
N PHE B 95 -10.17 0.75 -2.19
CA PHE B 95 -8.77 0.70 -2.52
C PHE B 95 -8.20 -0.57 -1.89
N ILE B 96 -7.43 -1.33 -2.66
CA ILE B 96 -6.82 -2.56 -2.14
C ILE B 96 -5.30 -2.53 -2.25
N ASP B 97 -4.62 -2.56 -1.10
CA ASP B 97 -3.17 -2.55 -1.05
C ASP B 97 -2.65 -3.98 -1.22
N GLU B 98 -1.40 -4.14 -1.67
CA GLU B 98 -0.83 -5.47 -1.86
C GLU B 98 -1.80 -6.35 -2.64
N ILE B 99 -2.62 -5.73 -3.49
CA ILE B 99 -3.61 -6.46 -4.26
C ILE B 99 -3.16 -7.73 -4.96
N HIS B 100 -1.85 -7.95 -5.03
CA HIS B 100 -1.35 -9.15 -5.69
C HIS B 100 -1.35 -10.38 -4.79
N ARG B 101 -1.80 -10.21 -3.55
CA ARG B 101 -1.86 -11.31 -2.59
C ARG B 101 -3.30 -11.68 -2.25
N LEU B 102 -4.18 -11.48 -3.22
CA LEU B 102 -5.59 -11.78 -3.05
C LEU B 102 -5.72 -13.28 -3.21
N SER B 103 -6.54 -13.92 -2.39
CA SER B 103 -6.74 -15.36 -2.51
C SER B 103 -7.27 -15.65 -3.90
N ARG B 104 -6.72 -16.68 -4.56
CA ARG B 104 -7.15 -17.07 -5.91
C ARG B 104 -8.67 -16.93 -6.05
N GLN B 105 -9.42 -17.64 -5.19
CA GLN B 105 -10.88 -17.59 -5.21
C GLN B 105 -11.30 -16.13 -5.17
N ALA B 106 -10.85 -15.43 -4.13
CA ALA B 106 -11.16 -14.02 -3.96
C ALA B 106 -11.02 -13.27 -5.28
N GLU B 107 -9.88 -13.40 -5.93
CA GLU B 107 -9.69 -12.71 -7.19
C GLU B 107 -10.72 -13.18 -8.21
N GLU B 108 -11.00 -14.48 -8.27
CA GLU B 108 -11.96 -14.99 -9.23
C GLU B 108 -13.34 -14.35 -9.04
N HIS B 109 -13.71 -14.04 -7.79
CA HIS B 109 -15.00 -13.40 -7.54
C HIS B 109 -14.96 -11.92 -7.85
N LEU B 110 -13.75 -11.34 -7.85
CA LEU B 110 -13.60 -9.92 -8.12
C LEU B 110 -13.86 -9.50 -9.57
N TYR B 111 -13.43 -10.32 -10.53
CA TYR B 111 -13.63 -9.96 -11.94
C TYR B 111 -15.06 -9.51 -12.21
N PRO B 112 -16.05 -10.35 -11.91
CA PRO B 112 -17.45 -9.99 -12.15
C PRO B 112 -17.82 -8.71 -11.43
N ALA B 113 -17.29 -8.54 -10.22
CA ALA B 113 -17.61 -7.35 -9.47
C ALA B 113 -17.20 -6.11 -10.26
N MET B 114 -15.98 -6.11 -10.82
CA MET B 114 -15.50 -4.98 -11.59
C MET B 114 -16.23 -4.79 -12.93
N GLU B 115 -16.48 -5.90 -13.62
CA GLU B 115 -17.14 -5.87 -14.92
C GLU B 115 -18.59 -5.38 -14.92
N ASP B 116 -19.52 -6.21 -14.45
CA ASP B 116 -20.95 -5.85 -14.44
C ASP B 116 -21.51 -5.44 -13.08
N PHE B 117 -20.62 -5.08 -12.16
CA PHE B 117 -21.02 -4.69 -10.81
C PHE B 117 -21.97 -5.67 -10.16
N VAL B 118 -21.62 -6.94 -10.30
CA VAL B 118 -22.41 -8.03 -9.77
C VAL B 118 -21.45 -9.13 -9.38
N MET B 119 -21.81 -9.87 -8.33
CA MET B 119 -21.00 -10.98 -7.85
C MET B 119 -21.86 -12.24 -8.00
N ASP B 120 -21.34 -13.24 -8.70
CA ASP B 120 -22.11 -14.46 -8.89
C ASP B 120 -21.55 -15.60 -8.06
N ILE B 121 -22.38 -16.14 -7.19
CA ILE B 121 -22.00 -17.25 -6.31
C ILE B 121 -22.64 -18.54 -6.81
N VAL B 122 -21.86 -19.61 -6.93
CA VAL B 122 -22.42 -20.88 -7.40
C VAL B 122 -22.86 -21.81 -6.27
N ILE B 123 -24.15 -22.06 -6.20
CA ILE B 123 -24.74 -22.90 -5.17
C ILE B 123 -24.54 -24.38 -5.48
N GLY B 124 -24.48 -25.18 -4.42
CA GLY B 124 -24.29 -26.62 -4.57
C GLY B 124 -23.49 -27.07 -5.77
N GLN B 125 -23.89 -28.19 -6.37
CA GLN B 125 -23.20 -28.70 -7.55
C GLN B 125 -24.01 -29.75 -8.31
N GLY B 126 -23.35 -30.44 -9.22
CA GLY B 126 -24.01 -31.45 -10.03
C GLY B 126 -24.76 -30.79 -11.17
N PRO B 127 -25.80 -31.45 -11.71
CA PRO B 127 -26.56 -30.86 -12.81
C PRO B 127 -27.21 -29.54 -12.40
N ALA B 128 -27.46 -29.37 -11.10
CA ALA B 128 -28.07 -28.14 -10.60
C ALA B 128 -27.14 -26.97 -10.90
N ALA B 129 -25.98 -26.95 -10.26
CA ALA B 129 -24.98 -25.91 -10.47
C ALA B 129 -25.60 -24.52 -10.66
N ARG B 130 -26.68 -24.26 -9.95
CA ARG B 130 -27.38 -22.98 -10.01
C ARG B 130 -26.49 -21.91 -9.38
N THR B 131 -26.65 -20.65 -9.80
CA THR B 131 -25.86 -19.56 -9.23
C THR B 131 -26.76 -18.42 -8.76
N ILE B 132 -26.35 -17.82 -7.64
CA ILE B 132 -27.09 -16.71 -7.04
C ILE B 132 -26.25 -15.45 -7.17
N ARG B 133 -26.85 -14.34 -7.57
CA ARG B 133 -26.08 -13.11 -7.71
C ARG B 133 -26.33 -12.00 -6.69
N LEU B 134 -25.26 -11.30 -6.33
CA LEU B 134 -25.37 -10.21 -5.39
C LEU B 134 -25.29 -8.94 -6.19
N GLU B 135 -26.38 -8.18 -6.22
CA GLU B 135 -26.36 -6.93 -6.96
C GLU B 135 -25.52 -5.96 -6.14
N LEU B 136 -24.44 -5.46 -6.73
CA LEU B 136 -23.53 -4.52 -6.08
C LEU B 136 -23.69 -3.11 -6.60
N PRO B 137 -23.23 -2.12 -5.83
CA PRO B 137 -23.31 -0.72 -6.24
C PRO B 137 -22.22 -0.42 -7.27
N ARG B 138 -22.43 0.53 -8.18
CA ARG B 138 -21.38 0.86 -9.11
C ARG B 138 -20.24 1.40 -8.25
N PHE B 139 -19.01 0.98 -8.51
CA PHE B 139 -17.88 1.45 -7.72
C PHE B 139 -16.62 1.42 -8.54
N THR B 140 -15.59 2.11 -8.08
CA THR B 140 -14.34 2.11 -8.81
C THR B 140 -13.31 1.43 -7.93
N LEU B 141 -12.69 0.37 -8.45
CA LEU B 141 -11.68 -0.33 -7.69
C LEU B 141 -10.32 0.27 -7.96
N ILE B 142 -9.57 0.55 -6.90
CA ILE B 142 -8.23 1.10 -7.04
C ILE B 142 -7.24 0.21 -6.33
N GLY B 143 -6.62 -0.67 -7.11
CA GLY B 143 -5.64 -1.58 -6.54
C GLY B 143 -4.22 -1.05 -6.62
N ALA B 144 -3.33 -1.64 -5.84
CA ALA B 144 -1.95 -1.22 -5.81
C ALA B 144 -1.02 -2.40 -5.48
N THR B 145 0.14 -2.45 -6.15
CA THR B 145 1.11 -3.52 -5.89
C THR B 145 2.51 -3.04 -5.61
N THR B 146 2.99 -3.40 -4.42
CA THR B 146 4.32 -3.02 -3.98
C THR B 146 5.33 -3.71 -4.87
N ARG B 147 4.87 -4.20 -6.02
CA ARG B 147 5.72 -4.92 -6.99
C ARG B 147 4.96 -5.31 -8.27
N PRO B 148 4.88 -4.36 -9.25
CA PRO B 148 4.33 -4.67 -10.57
C PRO B 148 4.87 -6.00 -11.10
N GLY B 149 6.15 -6.27 -10.76
CA GLY B 149 6.73 -7.54 -11.18
C GLY B 149 5.66 -8.62 -11.29
N LEU B 150 5.32 -8.96 -12.54
CA LEU B 150 4.25 -9.92 -12.77
C LEU B 150 4.04 -10.85 -11.57
N ILE B 151 3.12 -10.44 -10.70
CA ILE B 151 2.58 -11.37 -9.71
C ILE B 151 1.06 -11.20 -9.64
N THR B 152 0.59 -10.20 -10.42
CA THR B 152 -0.83 -10.07 -10.67
C THR B 152 -1.22 -10.90 -11.91
N ALA B 153 -2.34 -11.66 -11.78
CA ALA B 153 -2.90 -12.55 -12.79
C ALA B 153 -3.51 -11.84 -14.05
N PRO B 154 -4.63 -12.36 -14.64
CA PRO B 154 -5.08 -11.58 -15.79
C PRO B 154 -6.11 -10.58 -15.28
N LEU B 155 -6.15 -10.43 -13.96
CA LEU B 155 -7.02 -9.49 -13.27
C LEU B 155 -6.61 -8.11 -13.79
N LEU B 156 -5.42 -8.05 -14.38
CA LEU B 156 -4.85 -6.85 -14.96
C LEU B 156 -5.67 -6.37 -16.11
N SER B 157 -6.23 -7.31 -16.86
CA SER B 157 -7.04 -6.97 -18.01
C SER B 157 -8.38 -6.39 -17.62
N ARG B 158 -8.73 -6.42 -16.33
CA ARG B 158 -10.00 -5.88 -15.88
C ARG B 158 -9.87 -4.41 -15.46
N PHE B 159 -8.63 -3.92 -15.40
CA PHE B 159 -8.32 -2.53 -15.02
C PHE B 159 -8.28 -1.56 -16.19
N GLY B 160 -9.11 -0.51 -16.13
CA GLY B 160 -9.10 0.46 -17.20
C GLY B 160 -7.82 1.25 -17.26
N ILE B 161 -7.45 1.89 -16.17
CA ILE B 161 -6.23 2.70 -16.09
C ILE B 161 -5.14 1.86 -15.41
N VAL B 162 -3.86 2.16 -15.67
CA VAL B 162 -2.73 1.40 -15.08
C VAL B 162 -1.47 2.27 -15.09
N GLU B 163 -1.15 2.94 -13.98
CA GLU B 163 0.04 3.80 -13.95
C GLU B 163 1.11 3.45 -12.90
N HIS B 164 2.26 4.15 -12.96
CA HIS B 164 3.35 3.94 -12.01
C HIS B 164 3.66 5.21 -11.24
N LEU B 165 3.81 5.12 -9.92
CA LEU B 165 4.19 6.29 -9.13
C LEU B 165 5.69 6.22 -9.10
N GLU B 166 6.35 7.36 -9.31
CA GLU B 166 7.81 7.42 -9.31
C GLU B 166 8.36 8.00 -8.03
N TYR B 167 9.64 7.80 -7.77
CA TYR B 167 10.28 8.35 -6.57
C TYR B 167 10.19 9.86 -6.68
N TYR B 168 10.15 10.55 -5.55
CA TYR B 168 10.07 12.01 -5.57
C TYR B 168 11.45 12.64 -5.52
N THR B 169 11.59 13.78 -6.20
CA THR B 169 12.86 14.50 -6.18
C THR B 169 12.93 15.10 -4.77
N PRO B 170 14.12 15.22 -4.20
CA PRO B 170 14.19 15.79 -2.85
C PRO B 170 13.52 17.15 -2.69
N GLU B 171 13.44 17.91 -3.78
CA GLU B 171 12.78 19.22 -3.71
C GLU B 171 11.32 18.98 -3.32
N GLU B 172 10.66 18.06 -4.03
CA GLU B 172 9.26 17.70 -3.78
C GLU B 172 9.12 17.17 -2.35
N LEU B 173 9.96 16.22 -1.96
CA LEU B 173 9.89 15.66 -0.62
C LEU B 173 9.97 16.80 0.38
N ALA B 174 10.88 17.73 0.10
CA ALA B 174 11.11 18.90 0.93
C ALA B 174 9.83 19.70 0.97
N GLN B 175 9.32 20.05 -0.21
CA GLN B 175 8.07 20.81 -0.32
C GLN B 175 7.05 20.21 0.65
N GLY B 176 7.19 18.92 0.94
CA GLY B 176 6.29 18.25 1.87
C GLY B 176 6.63 18.75 3.27
N VAL B 177 7.74 18.29 3.83
CA VAL B 177 8.17 18.72 5.16
C VAL B 177 7.81 20.18 5.37
N MET B 178 8.12 21.00 4.36
CA MET B 178 7.87 22.42 4.40
C MET B 178 6.39 22.64 4.68
N ARG B 179 5.57 22.54 3.63
CA ARG B 179 4.13 22.70 3.73
C ARG B 179 3.56 21.50 4.46
N ASP B 180 3.95 21.37 5.71
CA ASP B 180 3.54 20.26 6.56
C ASP B 180 3.98 20.70 7.95
N ALA B 181 4.99 21.57 7.97
CA ALA B 181 5.50 22.10 9.21
C ALA B 181 4.64 23.31 9.53
N ARG B 182 4.35 24.12 8.51
CA ARG B 182 3.52 25.30 8.70
C ARG B 182 2.22 24.85 9.33
N LEU B 183 1.86 23.60 9.07
CA LEU B 183 0.64 23.02 9.60
C LEU B 183 0.81 22.78 11.09
N LEU B 184 2.01 22.36 11.47
CA LEU B 184 2.32 22.11 12.87
C LEU B 184 3.00 23.33 13.50
N GLY B 185 2.90 24.48 12.83
CA GLY B 185 3.52 25.69 13.34
C GLY B 185 5.03 25.68 13.17
N VAL B 186 5.64 24.58 13.60
CA VAL B 186 7.08 24.34 13.52
C VAL B 186 7.84 25.18 12.50
N ARG B 187 8.81 25.95 12.98
CA ARG B 187 9.63 26.80 12.13
C ARG B 187 10.83 26.03 11.58
N ILE B 188 10.97 26.05 10.27
CA ILE B 188 12.07 25.37 9.60
C ILE B 188 12.35 26.15 8.32
N THR B 189 13.62 26.21 7.92
CA THR B 189 13.97 26.94 6.72
C THR B 189 14.07 26.01 5.55
N GLU B 190 13.74 26.57 4.38
CA GLU B 190 13.75 25.86 3.11
C GLU B 190 14.85 24.79 3.01
N GLU B 191 16.10 25.25 2.97
CA GLU B 191 17.21 24.33 2.86
C GLU B 191 17.14 23.21 3.89
N ALA B 192 16.81 23.55 5.12
CA ALA B 192 16.71 22.54 6.17
C ALA B 192 15.90 21.37 5.63
N ALA B 193 14.64 21.67 5.31
CA ALA B 193 13.74 20.67 4.77
C ALA B 193 14.39 19.96 3.60
N LEU B 194 14.92 20.77 2.67
CA LEU B 194 15.59 20.22 1.50
C LEU B 194 16.76 19.32 1.88
N GLU B 195 17.34 19.54 3.05
CA GLU B 195 18.44 18.69 3.47
C GLU B 195 17.87 17.32 3.89
N ILE B 196 16.61 17.35 4.30
CA ILE B 196 15.90 16.14 4.70
C ILE B 196 15.56 15.40 3.41
N GLY B 197 15.09 16.15 2.43
CA GLY B 197 14.76 15.55 1.16
C GLY B 197 15.89 14.66 0.72
N ARG B 198 17.07 15.25 0.54
CA ARG B 198 18.24 14.52 0.12
C ARG B 198 18.39 13.21 0.88
N ARG B 199 18.13 13.22 2.18
CA ARG B 199 18.27 12.02 2.99
C ARG B 199 17.08 11.08 2.82
N SER B 200 15.88 11.61 2.61
CA SER B 200 14.73 10.74 2.42
C SER B 200 15.01 9.90 1.17
N ARG B 201 14.79 8.61 1.25
CA ARG B 201 15.08 7.76 0.11
C ARG B 201 14.15 7.97 -1.09
N GLY B 202 13.88 9.22 -1.43
CA GLY B 202 13.02 9.50 -2.57
C GLY B 202 11.56 9.16 -2.34
N THR B 203 11.29 8.57 -1.18
CA THR B 203 9.94 8.18 -0.83
C THR B 203 9.41 9.09 0.27
N MET B 204 8.16 9.49 0.12
CA MET B 204 7.50 10.39 1.05
C MET B 204 7.38 9.85 2.47
N ARG B 205 7.32 8.52 2.62
CA ARG B 205 7.17 7.92 3.95
C ARG B 205 8.35 8.19 4.86
N VAL B 206 9.55 7.90 4.37
CA VAL B 206 10.75 8.11 5.16
C VAL B 206 10.90 9.58 5.54
N ALA B 207 10.56 10.48 4.62
CA ALA B 207 10.66 11.93 4.85
C ALA B 207 9.93 12.37 6.11
N LYS B 208 8.63 12.12 6.16
CA LYS B 208 7.83 12.49 7.30
C LYS B 208 8.43 11.87 8.54
N ARG B 209 8.83 10.60 8.43
CA ARG B 209 9.44 9.89 9.54
C ARG B 209 10.66 10.65 10.01
N LEU B 210 11.63 10.80 9.12
CA LEU B 210 12.88 11.50 9.43
C LEU B 210 12.65 12.89 10.03
N PHE B 211 11.69 13.63 9.47
CA PHE B 211 11.37 14.97 9.95
C PHE B 211 10.93 14.89 11.40
N ARG B 212 10.22 13.81 11.74
CA ARG B 212 9.77 13.60 13.11
C ARG B 212 11.05 13.50 13.92
N ARG B 213 11.82 12.45 13.69
CA ARG B 213 13.08 12.27 14.40
C ARG B 213 13.89 13.56 14.51
N VAL B 214 14.07 14.26 13.39
CA VAL B 214 14.83 15.51 13.41
C VAL B 214 14.22 16.60 14.28
N ARG B 215 12.91 16.78 14.21
CA ARG B 215 12.21 17.80 15.00
C ARG B 215 12.17 17.37 16.47
N ASP B 216 12.31 16.07 16.69
CA ASP B 216 12.32 15.48 18.04
C ASP B 216 13.61 15.87 18.74
N PHE B 217 14.72 15.56 18.10
CA PHE B 217 16.06 15.85 18.63
C PHE B 217 16.36 17.35 18.66
N ALA B 218 15.78 18.08 17.73
CA ALA B 218 16.00 19.52 17.64
C ALA B 218 15.48 20.30 18.84
N GLN B 219 14.23 20.72 18.76
CA GLN B 219 13.57 21.52 19.79
C GLN B 219 13.87 21.09 21.22
N VAL B 220 14.51 19.93 21.38
CA VAL B 220 14.87 19.44 22.71
C VAL B 220 16.07 20.27 23.20
N ALA B 221 16.28 21.43 22.58
CA ALA B 221 17.37 22.33 22.92
C ALA B 221 17.05 23.81 22.65
N GLY B 222 16.20 24.04 21.64
CA GLY B 222 15.82 25.40 21.30
C GLY B 222 14.37 25.43 20.85
N GLU B 223 13.90 26.56 20.30
CA GLU B 223 12.51 26.65 19.85
C GLU B 223 12.32 27.67 18.74
N GLU B 224 13.32 28.49 18.50
CA GLU B 224 13.19 29.53 17.48
C GLU B 224 13.17 29.11 16.02
N VAL B 225 14.07 28.23 15.60
CA VAL B 225 14.10 27.82 14.19
C VAL B 225 15.07 26.71 13.86
N ILE B 226 14.68 25.87 12.90
CA ILE B 226 15.53 24.76 12.43
C ILE B 226 16.10 25.19 11.10
N THR B 227 17.40 25.49 11.09
CA THR B 227 18.05 25.92 9.87
C THR B 227 18.99 24.84 9.41
N ARG B 228 19.58 25.05 8.24
CA ARG B 228 20.54 24.11 7.67
C ARG B 228 21.38 23.47 8.76
N GLU B 229 22.03 24.30 9.57
CA GLU B 229 22.87 23.82 10.66
C GLU B 229 22.12 22.95 11.65
N ARG B 230 21.02 23.47 12.18
CA ARG B 230 20.25 22.69 13.14
C ARG B 230 19.94 21.33 12.54
N ALA B 231 19.39 21.34 11.33
CA ALA B 231 19.03 20.11 10.62
C ALA B 231 20.21 19.16 10.47
N LEU B 232 21.31 19.67 9.94
CA LEU B 232 22.51 18.86 9.75
C LEU B 232 23.03 18.22 11.03
N GLU B 233 23.02 18.97 12.13
CA GLU B 233 23.49 18.41 13.39
C GLU B 233 22.57 17.31 13.89
N ALA B 234 21.27 17.51 13.71
CA ALA B 234 20.29 16.53 14.14
C ALA B 234 20.52 15.22 13.39
N LEU B 235 20.60 15.33 12.07
CA LEU B 235 20.83 14.17 11.22
C LEU B 235 22.13 13.51 11.61
N ALA B 236 23.15 14.34 11.83
CA ALA B 236 24.47 13.87 12.22
C ALA B 236 24.37 13.00 13.47
N ALA B 237 23.56 13.47 14.42
CA ALA B 237 23.35 12.77 15.67
C ALA B 237 22.78 11.38 15.44
N LEU B 238 21.73 11.30 14.62
CA LEU B 238 21.08 10.03 14.32
C LEU B 238 21.94 9.17 13.38
N GLY B 239 23.00 9.79 12.85
CA GLY B 239 23.92 9.08 11.98
C GLY B 239 23.49 8.79 10.57
N LEU B 240 23.17 9.82 9.78
CA LEU B 240 22.79 9.61 8.40
C LEU B 240 23.71 10.39 7.47
N ASP B 241 24.36 9.68 6.55
CA ASP B 241 25.27 10.33 5.61
C ASP B 241 24.46 10.97 4.50
N GLU B 242 25.15 11.68 3.62
CA GLU B 242 24.51 12.36 2.48
C GLU B 242 23.77 11.39 1.58
N LEU B 243 24.18 10.12 1.61
CA LEU B 243 23.55 9.10 0.78
C LEU B 243 22.27 8.51 1.38
N GLY B 244 21.92 8.91 2.59
CA GLY B 244 20.70 8.41 3.20
C GLY B 244 20.80 7.15 4.05
N LEU B 245 21.98 6.53 4.13
CA LEU B 245 22.09 5.32 4.95
C LEU B 245 22.01 5.66 6.43
N GLU B 246 21.60 4.68 7.22
CA GLU B 246 21.43 4.86 8.65
C GLU B 246 22.56 4.23 9.46
N LYS B 247 22.43 4.32 10.79
CA LYS B 247 23.40 3.76 11.70
C LYS B 247 23.71 2.30 11.36
N ARG B 248 22.67 1.48 11.27
CA ARG B 248 22.85 0.06 10.96
C ARG B 248 23.20 -0.18 9.49
N ASP B 249 22.95 0.81 8.63
CA ASP B 249 23.25 0.64 7.23
C ASP B 249 24.75 0.51 7.01
N ARG B 250 25.52 1.43 7.59
CA ARG B 250 26.96 1.37 7.47
C ARG B 250 27.46 0.11 8.15
N GLU B 251 27.02 -0.10 9.39
CA GLU B 251 27.42 -1.27 10.17
C GLU B 251 27.22 -2.58 9.43
N ILE B 252 26.23 -2.63 8.54
CA ILE B 252 25.94 -3.84 7.77
C ILE B 252 26.97 -4.08 6.66
N LEU B 253 27.07 -3.13 5.72
CA LEU B 253 28.03 -3.28 4.65
C LEU B 253 29.46 -3.15 5.19
N GLU B 254 29.54 -2.92 6.49
CA GLU B 254 30.84 -2.78 7.15
C GLU B 254 31.36 -4.17 7.50
N VAL B 255 30.55 -4.91 8.25
CA VAL B 255 30.89 -6.26 8.67
C VAL B 255 31.02 -7.21 7.48
N LEU B 256 30.82 -6.68 6.27
CA LEU B 256 30.93 -7.48 5.06
C LEU B 256 32.16 -6.97 4.27
N ILE B 257 33.23 -6.71 5.00
CA ILE B 257 34.48 -6.22 4.41
C ILE B 257 35.66 -6.66 5.26
N LEU B 258 35.64 -6.27 6.53
CA LEU B 258 36.70 -6.61 7.47
C LEU B 258 36.47 -7.99 8.09
N ARG B 259 35.26 -8.18 8.64
CA ARG B 259 34.89 -9.44 9.26
C ARG B 259 34.78 -10.53 8.19
N PHE B 260 34.27 -10.15 7.02
CA PHE B 260 34.11 -11.05 5.88
C PHE B 260 34.76 -10.38 4.67
N GLY B 261 35.70 -11.06 4.03
CA GLY B 261 36.34 -10.48 2.87
C GLY B 261 35.32 -9.94 1.90
N GLY B 262 35.70 -8.93 1.11
CA GLY B 262 34.80 -8.35 0.15
C GLY B 262 34.40 -9.34 -0.92
N GLY B 263 33.75 -10.44 -0.51
CA GLY B 263 33.33 -11.47 -1.44
C GLY B 263 32.03 -12.15 -1.03
N PRO B 264 31.42 -12.92 -1.95
CA PRO B 264 30.16 -13.65 -1.71
C PRO B 264 30.05 -14.24 -0.31
N VAL B 265 29.40 -13.50 0.58
CA VAL B 265 29.23 -13.94 1.96
C VAL B 265 28.11 -14.97 2.14
N GLY B 266 26.89 -14.60 1.79
CA GLY B 266 25.76 -15.51 1.94
C GLY B 266 24.84 -15.00 3.03
N LEU B 267 23.58 -14.75 2.66
CA LEU B 267 22.60 -14.23 3.59
C LEU B 267 22.70 -14.81 5.00
N ALA B 268 22.43 -16.11 5.13
CA ALA B 268 22.49 -16.76 6.43
C ALA B 268 23.83 -16.48 7.11
N THR B 269 24.92 -16.65 6.36
CA THR B 269 26.27 -16.42 6.89
C THR B 269 26.52 -14.95 7.19
N LEU B 270 25.47 -14.13 7.10
CA LEU B 270 25.61 -12.71 7.36
C LEU B 270 24.68 -12.31 8.50
N ALA B 271 23.44 -12.81 8.45
CA ALA B 271 22.44 -12.53 9.47
C ALA B 271 22.99 -12.82 10.87
N THR B 272 23.13 -14.10 11.18
CA THR B 272 23.65 -14.51 12.48
C THR B 272 25.10 -14.09 12.62
N ALA B 273 25.76 -13.90 11.47
CA ALA B 273 27.16 -13.50 11.43
C ALA B 273 27.39 -12.21 12.22
N LEU B 274 26.42 -11.32 12.16
CA LEU B 274 26.49 -10.04 12.87
C LEU B 274 25.23 -9.83 13.69
N SER B 275 24.69 -10.91 14.24
CA SER B 275 23.49 -10.87 15.06
C SER B 275 22.35 -10.10 14.40
N GLU B 276 21.53 -10.81 13.65
CA GLU B 276 20.39 -10.21 12.95
C GLU B 276 19.72 -11.26 12.08
N ASP B 277 18.53 -10.94 11.56
CA ASP B 277 17.78 -11.86 10.73
C ASP B 277 17.96 -11.58 9.23
N PRO B 278 18.02 -12.65 8.41
CA PRO B 278 18.19 -12.53 6.96
C PRO B 278 16.99 -11.84 6.28
N GLY B 279 15.82 -12.43 6.41
CA GLY B 279 14.63 -11.84 5.83
C GLY B 279 14.62 -10.35 6.08
N THR B 280 14.94 -9.96 7.31
CA THR B 280 14.99 -8.56 7.69
C THR B 280 16.10 -7.84 6.92
N LEU B 281 17.32 -8.33 7.10
CA LEU B 281 18.46 -7.75 6.42
C LEU B 281 18.38 -8.20 4.96
N GLU B 282 17.21 -8.04 4.35
CA GLU B 282 17.00 -8.43 2.97
C GLU B 282 15.70 -7.80 2.49
N GLU B 283 14.73 -7.71 3.40
CA GLU B 283 13.43 -7.13 3.09
C GLU B 283 13.32 -5.77 3.74
N VAL B 284 14.45 -5.25 4.23
CA VAL B 284 14.45 -3.94 4.88
C VAL B 284 15.73 -3.12 4.62
N HIS B 285 16.90 -3.69 4.88
CA HIS B 285 18.16 -2.97 4.70
C HIS B 285 18.83 -3.14 3.35
N GLU B 286 18.81 -4.37 2.81
CA GLU B 286 19.43 -4.64 1.51
C GLU B 286 18.87 -3.82 0.34
N PRO B 287 17.53 -3.66 0.26
CA PRO B 287 16.90 -2.90 -0.82
C PRO B 287 17.62 -1.60 -1.19
N TYR B 288 17.62 -0.65 -0.26
CA TYR B 288 18.27 0.63 -0.51
C TYR B 288 19.75 0.46 -0.80
N LEU B 289 20.46 -0.22 0.11
CA LEU B 289 21.89 -0.46 -0.04
C LEU B 289 22.17 -0.92 -1.47
N ILE B 290 21.23 -1.66 -2.03
CA ILE B 290 21.40 -2.13 -3.38
C ILE B 290 21.08 -1.01 -4.37
N ARG B 291 19.97 -0.32 -4.15
CA ARG B 291 19.59 0.77 -5.06
C ARG B 291 20.66 1.85 -5.09
N GLN B 292 21.62 1.76 -4.18
CA GLN B 292 22.71 2.71 -4.11
C GLN B 292 24.01 2.11 -4.63
N GLY B 293 23.93 0.86 -5.07
CA GLY B 293 25.10 0.17 -5.60
C GLY B 293 26.19 0.09 -4.56
N LEU B 294 25.94 -0.60 -3.48
CA LEU B 294 26.92 -0.74 -2.42
C LEU B 294 26.81 -2.13 -1.84
N LEU B 295 25.86 -2.90 -2.36
CA LEU B 295 25.62 -4.26 -1.91
C LEU B 295 24.87 -5.00 -2.99
N LYS B 296 25.60 -5.72 -3.84
CA LYS B 296 24.98 -6.48 -4.92
C LYS B 296 24.85 -7.96 -4.57
N ARG B 297 23.67 -8.53 -4.82
CA ARG B 297 23.43 -9.94 -4.54
C ARG B 297 23.97 -10.80 -5.67
N THR B 298 24.71 -11.85 -5.32
CA THR B 298 25.27 -12.75 -6.31
C THR B 298 24.76 -14.17 -6.09
N PRO B 299 24.84 -15.01 -7.13
CA PRO B 299 24.36 -16.40 -7.01
C PRO B 299 25.28 -17.24 -6.12
N ARG B 300 25.67 -16.67 -4.99
CA ARG B 300 26.56 -17.32 -4.04
C ARG B 300 26.21 -16.81 -2.64
N GLY B 301 26.41 -15.52 -2.44
CA GLY B 301 26.12 -14.88 -1.17
C GLY B 301 25.89 -13.40 -1.34
N ARG B 302 26.73 -12.58 -0.70
CA ARG B 302 26.61 -11.12 -0.79
C ARG B 302 27.96 -10.45 -1.06
N VAL B 303 27.97 -9.47 -1.93
CA VAL B 303 29.21 -8.77 -2.29
C VAL B 303 29.08 -7.26 -2.20
N ALA B 304 30.08 -6.60 -1.63
CA ALA B 304 30.09 -5.15 -1.53
C ALA B 304 30.71 -4.62 -2.82
N THR B 305 30.59 -3.31 -3.08
CA THR B 305 31.15 -2.74 -4.30
C THR B 305 32.27 -1.74 -4.03
N GLU B 306 33.06 -1.46 -5.06
CA GLU B 306 34.17 -0.52 -4.94
C GLU B 306 33.71 0.85 -4.46
N LEU B 307 32.41 1.11 -4.60
CA LEU B 307 31.84 2.38 -4.18
C LEU B 307 31.58 2.34 -2.67
N ALA B 308 31.10 1.20 -2.19
CA ALA B 308 30.81 1.02 -0.77
C ALA B 308 32.05 1.31 0.06
N TYR B 309 33.19 0.78 -0.37
CA TYR B 309 34.45 1.02 0.33
C TYR B 309 34.70 2.53 0.35
N ARG B 310 34.61 3.16 -0.80
CA ARG B 310 34.84 4.60 -0.94
C ARG B 310 34.05 5.43 0.07
N HIS B 311 32.73 5.24 0.07
CA HIS B 311 31.86 5.98 0.97
C HIS B 311 32.33 5.89 2.42
N LEU B 312 33.14 4.87 2.71
CA LEU B 312 33.66 4.68 4.06
C LEU B 312 35.14 5.07 4.19
N GLY B 313 35.82 5.22 3.06
CA GLY B 313 37.22 5.62 3.08
C GLY B 313 38.26 4.51 3.10
N TYR B 314 38.14 3.54 2.20
CA TYR B 314 39.07 2.42 2.10
C TYR B 314 39.60 2.35 0.67
N PRO B 315 40.87 1.95 0.49
CA PRO B 315 41.42 1.86 -0.87
C PRO B 315 40.83 0.69 -1.65
N PRO B 316 40.65 0.86 -2.97
CA PRO B 316 40.08 -0.19 -3.84
C PRO B 316 41.02 -1.39 -4.02
N PRO B 317 40.74 -2.49 -3.30
CA PRO B 317 41.54 -3.72 -3.37
C PRO B 317 41.39 -4.47 -4.68
N VAL B 318 42.34 -4.25 -5.59
CA VAL B 318 42.32 -4.89 -6.91
C VAL B 318 40.93 -4.76 -7.54
PG ANP C . 0.75 3.98 1.04
O1G ANP C . 2.23 4.31 1.21
O2G ANP C . 0.18 4.32 -0.31
O3G ANP C . 0.55 2.45 1.35
PB ANP C . -0.28 6.45 2.54
O1B ANP C . -0.39 7.26 1.29
O2B ANP C . -1.42 6.57 3.48
N3B ANP C . -0.07 4.81 2.24
PA ANP C . 2.59 7.05 2.86
O1A ANP C . 3.51 6.16 3.57
O2A ANP C . 2.66 6.82 1.42
O3A ANP C . 1.04 6.87 3.34
O5' ANP C . 3.00 8.58 3.18
C5' ANP C . 3.01 9.17 4.56
C4' ANP C . 2.24 10.53 4.48
O4' ANP C . 2.86 11.51 3.59
C3' ANP C . 0.78 10.41 4.00
O3' ANP C . -0.09 9.98 5.02
C2' ANP C . 0.45 11.81 3.46
O2' ANP C . -0.13 12.58 4.49
C1' ANP C . 1.82 12.31 2.97
N9 ANP C . 1.93 12.28 1.45
C8 ANP C . 2.15 11.20 0.62
N7 ANP C . 2.19 11.56 -0.67
C5 ANP C . 2.00 12.85 -0.68
C6 ANP C . 1.93 13.82 -1.77
N6 ANP C . 2.08 13.41 -3.04
N1 ANP C . 1.70 15.17 -1.49
C2 ANP C . 1.55 15.54 -0.14
N3 ANP C . 1.60 14.72 0.94
C4 ANP C . 1.83 13.39 0.60
#